data_5WWD
#
_entry.id   5WWD
#
_cell.length_a   34.522
_cell.length_b   83.181
_cell.length_c   115.224
_cell.angle_alpha   90.00
_cell.angle_beta   90.00
_cell.angle_gamma   90.00
#
_symmetry.space_group_name_H-M   'P 2 21 21'
#
loop_
_entity.id
_entity.type
_entity.pdbx_description
1 polymer 'Nudix hydrolase 1'
2 non-polymer GLYCEROL
3 non-polymer METHOXYETHANE
4 non-polymer 'AMMONIUM ION'
5 non-polymer 'MAGNESIUM ION'
6 water water
#
_entity_poly.entity_id   1
_entity_poly.type   'polypeptide(L)'
_entity_poly.pdbx_seq_one_letter_code
;AHMSTGEAIPRVAVVVFILNGNSILLGRRRSSIGNSTFALPGGHLEFGESFEECAAREVMEETGLKIEKMKLLTVTNNVF
KEAPTPSHYVSVSIRAVLVDPSQEPKNMEPEKCEGWDWYDWENLPKPLFWPLEKLFGSGFNPFTHGGGD
;
_entity_poly.pdbx_strand_id   A,B
#
loop_
_chem_comp.id
_chem_comp.type
_chem_comp.name
_chem_comp.formula
2ME non-polymer METHOXYETHANE 'C3 H8 O'
GOL non-polymer GLYCEROL 'C3 H8 O3'
MG non-polymer 'MAGNESIUM ION' 'Mg 2'
NH4 non-polymer 'AMMONIUM ION' 'H4 N 1'
#
# COMPACT_ATOMS: atom_id res chain seq x y z
N ALA A 8 -1.54 9.09 -17.28
CA ALA A 8 -2.29 8.86 -16.07
C ALA A 8 -1.72 7.64 -15.38
N ILE A 9 -1.23 7.80 -14.16
CA ILE A 9 -0.66 6.70 -13.42
C ILE A 9 -1.19 6.72 -11.98
N PRO A 10 -1.12 5.46 -11.37
CA PRO A 10 -1.59 5.41 -9.99
C PRO A 10 -0.70 6.27 -9.09
N ARG A 11 -1.34 7.00 -8.17
CA ARG A 11 -0.65 7.90 -7.27
C ARG A 11 -0.87 7.46 -5.83
N VAL A 12 0.18 7.58 -5.02
CA VAL A 12 0.14 7.13 -3.64
C VAL A 12 -0.36 8.25 -2.73
N ALA A 13 -1.35 7.92 -1.90
CA ALA A 13 -1.82 8.79 -0.86
C ALA A 13 -1.67 8.08 0.48
N VAL A 14 -1.51 8.84 1.55
CA VAL A 14 -1.56 8.32 2.91
C VAL A 14 -2.76 8.96 3.59
N VAL A 15 -3.57 8.14 4.24
CA VAL A 15 -4.77 8.60 4.96
C VAL A 15 -4.65 8.14 6.41
N VAL A 16 -5.21 8.93 7.33
CA VAL A 16 -4.88 8.78 8.75
C VAL A 16 -6.16 8.62 9.57
N PHE A 17 -6.24 7.48 10.28
CA PHE A 17 -7.23 7.26 11.33
C PHE A 17 -6.63 7.77 12.63
N ILE A 18 -7.07 8.95 13.06
CA ILE A 18 -6.68 9.51 14.35
C ILE A 18 -7.69 8.99 15.37
N LEU A 19 -7.22 8.13 16.26
CA LEU A 19 -8.08 7.47 17.24
C LEU A 19 -8.04 8.26 18.53
N ASN A 20 -9.22 8.62 19.03
CA ASN A 20 -9.34 9.42 20.25
C ASN A 20 -10.52 8.84 21.02
N GLY A 21 -10.23 8.07 22.06
CA GLY A 21 -11.30 7.36 22.75
C GLY A 21 -11.91 6.35 21.79
N ASN A 22 -13.23 6.45 21.60
CA ASN A 22 -13.93 5.60 20.64
C ASN A 22 -14.18 6.30 19.33
N SER A 23 -13.52 7.42 19.06
CA SER A 23 -13.83 8.28 17.93
C SER A 23 -12.67 8.36 16.94
N ILE A 24 -13.04 8.75 15.71
CA ILE A 24 -12.07 9.06 14.67
C ILE A 24 -12.41 10.43 14.09
N LEU A 25 -11.40 11.09 13.51
CA LEU A 25 -11.60 12.41 12.93
C LEU A 25 -12.04 12.28 11.47
N LEU A 26 -13.14 12.96 11.13
CA LEU A 26 -13.63 12.99 9.75
C LEU A 26 -14.04 14.41 9.39
N GLY A 27 -14.05 14.70 8.10
CA GLY A 27 -14.49 15.99 7.61
C GLY A 27 -15.02 15.87 6.20
N ARG A 28 -16.03 16.67 5.88
CA ARG A 28 -16.61 16.61 4.54
C ARG A 28 -15.66 17.24 3.53
N ARG A 29 -15.42 16.52 2.44
CA ARG A 29 -14.53 17.00 1.40
C ARG A 29 -15.15 18.17 0.63
N ARG A 30 -14.30 19.13 0.23
CA ARG A 30 -14.62 20.09 -0.82
C ARG A 30 -13.66 19.73 -1.95
N SER A 31 -14.16 19.00 -2.95
CA SER A 31 -13.30 18.35 -3.91
C SER A 31 -14.10 17.99 -5.16
N SER A 32 -13.39 17.83 -6.28
CA SER A 32 -14.01 17.27 -7.47
C SER A 32 -14.33 15.78 -7.31
N ILE A 33 -13.72 15.10 -6.36
CA ILE A 33 -13.96 13.69 -6.13
C ILE A 33 -14.53 13.54 -4.72
N GLY A 34 -15.68 12.87 -4.62
CA GLY A 34 -16.29 12.67 -3.31
C GLY A 34 -16.74 13.95 -2.63
N ASN A 35 -17.19 14.94 -3.38
CA ASN A 35 -17.56 16.20 -2.76
C ASN A 35 -18.65 15.99 -1.72
N SER A 36 -18.49 16.61 -0.57
CA SER A 36 -19.46 16.62 0.53
C SER A 36 -19.50 15.32 1.32
N THR A 37 -18.64 14.35 1.00
CA THR A 37 -18.63 13.10 1.75
C THR A 37 -17.59 13.16 2.87
N PHE A 38 -17.84 12.39 3.94
CA PHE A 38 -16.96 12.40 5.10
C PHE A 38 -15.72 11.55 4.86
N ALA A 39 -14.53 12.13 5.08
CA ALA A 39 -13.27 11.46 4.76
C ALA A 39 -12.23 11.75 5.84
N LEU A 40 -11.15 10.97 5.79
CA LEU A 40 -10.02 11.12 6.70
C LEU A 40 -9.08 12.22 6.26
N PRO A 41 -8.27 12.74 7.17
CA PRO A 41 -7.20 13.65 6.79
C PRO A 41 -6.18 12.81 6.00
N GLY A 42 -5.47 13.40 5.06
CA GLY A 42 -4.49 12.70 4.29
C GLY A 42 -4.10 13.43 3.03
N GLY A 43 -3.20 12.86 2.29
CA GLY A 43 -2.73 13.47 1.08
C GLY A 43 -1.63 12.68 0.41
N HIS A 44 -1.03 13.29 -0.58
CA HIS A 44 -0.03 12.67 -1.40
C HIS A 44 1.30 12.40 -0.71
N LEU A 45 1.81 11.20 -0.90
CA LEU A 45 3.13 10.87 -0.41
C LEU A 45 4.18 11.56 -1.27
N GLU A 46 5.16 12.21 -0.63
CA GLU A 46 6.21 12.89 -1.36
C GLU A 46 7.41 11.96 -1.58
N PHE A 47 8.16 12.23 -2.64
CA PHE A 47 9.36 11.43 -2.92
C PHE A 47 10.29 11.43 -1.72
N GLY A 48 10.71 10.23 -1.30
CA GLY A 48 11.64 10.06 -0.20
C GLY A 48 11.01 10.01 1.18
N GLU A 49 9.73 10.32 1.30
CA GLU A 49 9.05 10.39 2.58
C GLU A 49 8.60 9.00 3.02
N SER A 50 8.63 8.76 4.33
CA SER A 50 8.06 7.53 4.86
C SER A 50 6.54 7.69 5.02
N PHE A 51 5.84 6.57 5.16
CA PHE A 51 4.40 6.64 5.39
C PHE A 51 4.08 7.44 6.64
N GLU A 52 4.87 7.25 7.70
CA GLU A 52 4.63 7.89 8.98
C GLU A 52 4.93 9.37 8.91
N GLU A 53 6.02 9.76 8.24
CA GLU A 53 6.31 11.17 8.04
C GLU A 53 5.18 11.86 7.27
N CYS A 54 4.70 11.20 6.21
CA CYS A 54 3.61 11.76 5.43
C CYS A 54 2.34 11.91 6.28
N ALA A 55 2.00 10.89 7.05
CA ALA A 55 0.82 10.95 7.91
C ALA A 55 0.88 12.16 8.84
N ALA A 56 2.01 12.33 9.53
CA ALA A 56 2.12 13.44 10.48
C ALA A 56 2.07 14.78 9.76
N ARG A 57 2.75 14.89 8.61
CA ARG A 57 2.76 16.13 7.86
C ARG A 57 1.37 16.50 7.36
N GLU A 58 0.67 15.54 6.75
CA GLU A 58 -0.67 15.83 6.21
C GLU A 58 -1.63 16.22 7.32
N VAL A 59 -1.59 15.50 8.45
CA VAL A 59 -2.46 15.85 9.57
C VAL A 59 -2.14 17.25 10.07
N MET A 60 -0.88 17.59 10.18
CA MET A 60 -0.51 18.94 10.61
C MET A 60 -1.00 19.99 9.61
N GLU A 61 -0.75 19.76 8.33
CA GLU A 61 -1.13 20.74 7.32
C GLU A 61 -2.64 20.95 7.25
N GLU A 62 -3.42 19.90 7.47
CA GLU A 62 -4.86 19.98 7.30
C GLU A 62 -5.62 20.31 8.57
N THR A 63 -5.12 19.89 9.74
CA THR A 63 -5.85 19.99 10.98
C THR A 63 -5.12 20.71 12.10
N GLY A 64 -3.81 20.94 11.96
CA GLY A 64 -2.99 21.44 13.06
C GLY A 64 -2.69 20.44 14.16
N LEU A 65 -3.29 19.25 14.12
CA LEU A 65 -3.12 18.30 15.21
C LEU A 65 -1.75 17.66 15.21
N LYS A 66 -1.22 17.41 16.40
CA LYS A 66 0.04 16.71 16.58
C LYS A 66 -0.24 15.25 16.95
N ILE A 67 0.28 14.34 16.14
CA ILE A 67 -0.01 12.93 16.34
C ILE A 67 1.28 12.17 16.61
N GLU A 68 1.12 10.94 17.11
CA GLU A 68 2.24 10.10 17.47
C GLU A 68 1.78 8.64 17.41
N LYS A 69 2.73 7.75 17.60
CA LYS A 69 2.49 6.32 17.60
C LYS A 69 1.82 5.82 16.32
N MET A 70 2.32 6.28 15.21
CA MET A 70 1.80 5.95 13.90
C MET A 70 2.04 4.46 13.60
N LYS A 71 1.06 3.79 13.06
CA LYS A 71 1.20 2.39 12.71
C LYS A 71 0.49 2.06 11.39
N LEU A 72 1.10 1.27 10.54
CA LEU A 72 0.49 0.89 9.27
C LEU A 72 -0.73 0.02 9.53
N LEU A 73 -1.83 0.35 8.84
CA LEU A 73 -3.04 -0.47 8.89
C LEU A 73 -3.20 -1.33 7.63
N THR A 74 -3.50 -0.72 6.49
CA THR A 74 -3.72 -1.48 5.26
C THR A 74 -3.48 -0.57 4.06
N VAL A 75 -3.81 -1.08 2.87
CA VAL A 75 -3.70 -0.32 1.64
C VAL A 75 -4.91 -0.67 0.78
N THR A 76 -5.45 0.32 0.08
CA THR A 76 -6.60 0.12 -0.78
C THR A 76 -6.33 0.71 -2.16
N ASN A 77 -7.00 0.15 -3.16
CA ASN A 77 -6.89 0.57 -4.54
C ASN A 77 -8.17 1.30 -4.92
N ASN A 78 -8.04 2.58 -5.25
CA ASN A 78 -9.21 3.44 -5.44
C ASN A 78 -9.15 4.13 -6.80
N VAL A 79 -9.89 3.59 -7.77
CA VAL A 79 -9.90 4.08 -9.14
C VAL A 79 -11.12 4.97 -9.32
N PHE A 80 -10.91 6.15 -9.90
CA PHE A 80 -11.99 7.09 -10.19
C PHE A 80 -11.97 7.39 -11.69
N LYS A 81 -12.43 6.42 -12.49
CA LYS A 81 -12.41 6.58 -13.94
C LYS A 81 -13.39 7.64 -14.41
N GLU A 82 -14.47 7.85 -13.67
CA GLU A 82 -15.55 8.75 -14.09
C GLU A 82 -15.39 10.16 -13.53
N ALA A 83 -14.25 10.47 -12.91
CA ALA A 83 -14.00 11.81 -12.43
C ALA A 83 -13.70 12.76 -13.59
N PRO A 84 -13.88 14.06 -13.39
CA PRO A 84 -13.55 15.01 -14.48
C PRO A 84 -12.15 14.82 -15.01
N THR A 85 -11.17 14.63 -14.12
CA THR A 85 -9.85 14.14 -14.49
C THR A 85 -9.77 12.72 -13.96
N PRO A 86 -9.85 11.69 -14.80
CA PRO A 86 -9.73 10.31 -14.31
C PRO A 86 -8.50 10.15 -13.44
N SER A 87 -8.69 9.53 -12.28
CA SER A 87 -7.65 9.42 -11.27
C SER A 87 -7.63 8.00 -10.72
N HIS A 88 -6.47 7.61 -10.19
CA HIS A 88 -6.28 6.30 -9.57
C HIS A 88 -5.37 6.52 -8.38
N TYR A 89 -5.87 6.25 -7.18
CA TYR A 89 -5.09 6.40 -5.97
C TYR A 89 -4.87 5.04 -5.32
N VAL A 90 -3.71 4.89 -4.70
CA VAL A 90 -3.35 3.73 -3.90
C VAL A 90 -3.19 4.36 -2.51
N SER A 91 -4.13 4.09 -1.63
CA SER A 91 -4.19 4.75 -0.34
C SER A 91 -3.70 3.88 0.80
N VAL A 92 -2.66 4.34 1.44
CA VAL A 92 -2.07 3.66 2.58
C VAL A 92 -2.61 4.26 3.85
N SER A 93 -3.24 3.39 4.64
N SER A 93 -3.25 3.40 4.64
CA SER A 93 -3.91 3.79 5.88
CA SER A 93 -3.87 3.84 5.87
C SER A 93 -2.95 3.61 7.04
C SER A 93 -2.96 3.60 7.06
N ILE A 94 -2.91 4.58 7.86
CA ILE A 94 -2.13 4.76 9.10
C ILE A 94 -3.00 5.08 10.32
N ARG A 95 -2.77 4.39 11.43
CA ARG A 95 -3.41 4.71 12.70
C ARG A 95 -2.48 5.60 13.51
N ALA A 96 -3.06 6.55 14.25
CA ALA A 96 -2.27 7.40 15.12
C ALA A 96 -3.13 7.88 16.28
N VAL A 97 -2.48 8.47 17.29
CA VAL A 97 -3.17 9.10 18.40
C VAL A 97 -2.62 10.50 18.63
N LEU A 98 -3.39 11.31 19.35
CA LEU A 98 -2.96 12.68 19.67
C LEU A 98 -1.88 12.67 20.74
N VAL A 99 -0.86 13.52 20.56
CA VAL A 99 0.10 13.76 21.63
C VAL A 99 -0.59 14.39 22.83
N ASP A 100 -1.49 15.35 22.58
CA ASP A 100 -2.28 16.00 23.62
C ASP A 100 -3.75 15.72 23.32
N PRO A 101 -4.38 14.78 24.02
CA PRO A 101 -5.78 14.45 23.73
C PRO A 101 -6.74 15.63 23.82
N SER A 102 -6.36 16.73 24.46
CA SER A 102 -7.24 17.88 24.56
C SER A 102 -7.16 18.80 23.34
N GLN A 103 -6.23 18.58 22.43
CA GLN A 103 -6.02 19.53 21.34
C GLN A 103 -7.21 19.55 20.39
N GLU A 104 -7.69 20.77 20.07
CA GLU A 104 -8.81 20.98 19.18
C GLU A 104 -8.35 20.97 17.72
N PRO A 105 -9.05 20.27 16.83
CA PRO A 105 -8.74 20.38 15.40
C PRO A 105 -8.99 21.80 14.91
N LYS A 106 -8.29 22.19 13.85
CA LYS A 106 -8.55 23.42 13.11
C LYS A 106 -8.74 23.04 11.65
N ASN A 107 -9.41 23.90 10.88
CA ASN A 107 -9.62 23.66 9.46
C ASN A 107 -8.55 24.45 8.72
N MET A 108 -7.36 23.86 8.59
CA MET A 108 -6.20 24.59 8.09
C MET A 108 -6.15 24.68 6.57
N GLU A 109 -6.86 23.80 5.86
CA GLU A 109 -7.02 23.88 4.42
C GLU A 109 -8.51 24.00 4.14
N PRO A 110 -9.10 25.15 4.47
CA PRO A 110 -10.56 25.29 4.47
C PRO A 110 -11.19 25.28 3.08
N GLU A 111 -10.39 25.38 2.01
CA GLU A 111 -10.93 25.22 0.67
C GLU A 111 -11.06 23.76 0.26
N LYS A 112 -10.51 22.83 1.03
CA LYS A 112 -10.56 21.42 0.69
C LYS A 112 -11.41 20.60 1.65
N CYS A 113 -11.89 21.20 2.75
CA CYS A 113 -12.65 20.47 3.75
C CYS A 113 -13.59 21.47 4.41
N GLU A 114 -14.82 21.02 4.69
CA GLU A 114 -15.80 21.87 5.35
C GLU A 114 -15.51 22.07 6.83
N GLY A 115 -14.71 21.20 7.42
CA GLY A 115 -14.38 21.23 8.84
C GLY A 115 -14.20 19.81 9.36
N TRP A 116 -13.42 19.70 10.40
CA TRP A 116 -13.09 18.41 11.04
C TRP A 116 -13.85 18.26 12.35
N ASP A 117 -14.37 17.08 12.62
CA ASP A 117 -15.05 16.76 13.87
C ASP A 117 -14.71 15.30 14.23
N TRP A 118 -14.93 14.96 15.50
CA TRP A 118 -14.77 13.60 16.00
C TRP A 118 -16.11 12.87 15.86
N TYR A 119 -16.05 11.60 15.42
CA TYR A 119 -17.23 10.77 15.29
C TYR A 119 -17.00 9.43 15.96
N ASP A 120 -17.97 9.01 16.76
CA ASP A 120 -17.88 7.74 17.47
C ASP A 120 -17.97 6.58 16.48
N TRP A 121 -17.17 5.55 16.74
CA TRP A 121 -17.15 4.36 15.90
C TRP A 121 -18.56 3.77 15.71
N GLU A 122 -19.40 3.84 16.73
CA GLU A 122 -20.74 3.28 16.66
C GLU A 122 -21.80 4.27 16.16
N ASN A 123 -21.40 5.47 15.77
CA ASN A 123 -22.32 6.45 15.23
C ASN A 123 -21.62 7.25 14.14
N LEU A 124 -21.11 6.55 13.13
CA LEU A 124 -20.40 7.23 12.05
C LEU A 124 -21.38 7.98 11.15
N PRO A 125 -20.93 9.08 10.54
CA PRO A 125 -21.82 9.90 9.72
C PRO A 125 -21.98 9.31 8.31
N LYS A 126 -22.93 9.86 7.58
CA LYS A 126 -23.19 9.49 6.18
C LYS A 126 -23.41 10.78 5.41
N PRO A 127 -23.02 10.82 4.13
CA PRO A 127 -22.36 9.74 3.39
C PRO A 127 -20.85 9.73 3.60
N LEU A 128 -20.28 8.54 3.84
CA LEU A 128 -18.84 8.40 3.88
C LEU A 128 -18.28 8.44 2.47
N PHE A 129 -17.08 8.99 2.35
CA PHE A 129 -16.34 8.94 1.09
C PHE A 129 -16.20 7.49 0.65
N TRP A 130 -16.44 7.23 -0.64
CA TRP A 130 -16.57 5.84 -1.08
C TRP A 130 -15.41 4.95 -0.70
N PRO A 131 -14.14 5.32 -0.91
CA PRO A 131 -13.05 4.42 -0.48
C PRO A 131 -13.14 4.04 0.99
N LEU A 132 -13.59 4.97 1.83
CA LEU A 132 -13.72 4.68 3.25
C LEU A 132 -14.90 3.75 3.52
N GLU A 133 -16.05 4.04 2.89
CA GLU A 133 -17.22 3.17 3.06
C GLU A 133 -16.93 1.76 2.58
N LYS A 134 -16.26 1.64 1.43
CA LYS A 134 -15.94 0.32 0.86
C LYS A 134 -15.02 -0.45 1.80
N LEU A 135 -14.00 0.22 2.33
CA LEU A 135 -13.10 -0.42 3.29
C LEU A 135 -13.86 -0.90 4.52
N PHE A 136 -14.70 -0.03 5.12
CA PHE A 136 -15.47 -0.47 6.27
C PHE A 136 -16.40 -1.63 5.91
N GLY A 137 -16.88 -1.67 4.67
CA GLY A 137 -17.77 -2.74 4.25
C GLY A 137 -17.12 -4.11 4.28
N SER A 138 -15.80 -4.16 4.20
CA SER A 138 -15.04 -5.41 4.30
C SER A 138 -14.88 -5.89 5.73
N GLY A 139 -15.37 -5.14 6.72
CA GLY A 139 -15.19 -5.48 8.12
C GLY A 139 -14.01 -4.81 8.78
N PHE A 140 -13.26 -3.99 8.04
CA PHE A 140 -12.08 -3.33 8.59
C PHE A 140 -12.45 -2.43 9.77
N ASN A 141 -11.64 -2.50 10.83
CA ASN A 141 -11.83 -1.72 12.05
C ASN A 141 -10.46 -1.18 12.46
N PRO A 142 -10.28 0.15 12.42
CA PRO A 142 -8.93 0.71 12.68
C PRO A 142 -8.50 0.60 14.13
N PHE A 143 -9.43 0.37 15.05
CA PHE A 143 -9.09 0.25 16.47
C PHE A 143 -8.47 -1.10 16.80
N THR A 144 -8.84 -2.15 16.07
CA THR A 144 -8.45 -3.49 16.43
C THR A 144 -7.65 -4.19 15.36
N HIS A 145 -7.55 -3.60 14.17
CA HIS A 145 -6.85 -4.22 13.07
C HIS A 145 -5.40 -4.49 13.46
N GLY A 146 -4.88 -5.63 13.01
CA GLY A 146 -3.50 -5.99 13.25
C GLY A 146 -3.10 -5.92 14.71
N ALA B 8 11.26 13.38 -8.58
CA ALA B 8 10.49 12.22 -8.98
C ALA B 8 9.27 12.06 -8.08
N ILE B 9 8.54 10.95 -8.25
CA ILE B 9 7.35 10.66 -7.44
C ILE B 9 7.34 9.21 -7.08
N PRO B 10 6.73 8.87 -5.93
CA PRO B 10 6.60 7.47 -5.55
C PRO B 10 5.76 6.72 -6.58
N ARG B 11 6.21 5.52 -6.93
CA ARG B 11 5.55 4.69 -7.93
C ARG B 11 5.09 3.39 -7.30
N VAL B 12 3.94 2.89 -7.71
CA VAL B 12 3.35 1.69 -7.12
C VAL B 12 3.77 0.45 -7.91
N ALA B 13 4.24 -0.55 -7.18
CA ALA B 13 4.48 -1.88 -7.73
C ALA B 13 3.67 -2.88 -6.93
N VAL B 14 3.33 -4.00 -7.57
CA VAL B 14 2.74 -5.15 -6.91
C VAL B 14 3.77 -6.28 -7.01
N VAL B 15 4.03 -6.93 -5.87
CA VAL B 15 4.97 -8.05 -5.80
C VAL B 15 4.23 -9.26 -5.26
N VAL B 16 4.62 -10.46 -5.69
CA VAL B 16 3.78 -11.63 -5.50
C VAL B 16 4.57 -12.72 -4.79
N PHE B 17 4.05 -13.17 -3.65
CA PHE B 17 4.50 -14.38 -2.97
C PHE B 17 3.66 -15.54 -3.51
N ILE B 18 4.26 -16.33 -4.40
CA ILE B 18 3.62 -17.54 -4.90
C ILE B 18 4.02 -18.67 -3.96
N LEU B 19 3.05 -19.16 -3.20
CA LEU B 19 3.28 -20.17 -2.18
C LEU B 19 3.04 -21.55 -2.78
N ASN B 20 4.03 -22.42 -2.65
CA ASN B 20 3.97 -23.75 -3.24
C ASN B 20 4.58 -24.69 -2.20
N GLY B 21 3.72 -25.41 -1.49
CA GLY B 21 4.21 -26.21 -0.39
C GLY B 21 4.77 -25.30 0.68
N ASN B 22 6.03 -25.52 1.06
CA ASN B 22 6.73 -24.65 2.00
C ASN B 22 7.62 -23.65 1.30
N SER B 23 7.46 -23.46 -0.01
CA SER B 23 8.39 -22.67 -0.79
C SER B 23 7.74 -21.42 -1.37
N ILE B 24 8.59 -20.46 -1.72
CA ILE B 24 8.17 -19.29 -2.49
C ILE B 24 9.06 -19.17 -3.72
N LEU B 25 8.54 -18.50 -4.74
CA LEU B 25 9.30 -18.29 -5.97
C LEU B 25 10.17 -17.05 -5.85
N LEU B 26 11.45 -17.18 -6.16
CA LEU B 26 12.39 -16.06 -6.16
C LEU B 26 13.26 -16.15 -7.42
N GLY B 27 13.80 -15.01 -7.83
CA GLY B 27 14.71 -14.95 -8.95
C GLY B 27 15.67 -13.79 -8.81
N ARG B 28 16.92 -13.99 -9.24
CA ARG B 28 17.92 -12.95 -9.12
C ARG B 28 17.69 -11.84 -10.14
N ARG B 29 17.67 -10.60 -9.65
CA ARG B 29 17.48 -9.44 -10.50
C ARG B 29 18.68 -9.21 -11.41
N ARG B 30 18.40 -8.72 -12.61
CA ARG B 30 19.39 -8.06 -13.46
C ARG B 30 18.90 -6.61 -13.55
N SER B 31 19.56 -5.70 -12.83
CA SER B 31 19.00 -4.38 -12.61
C SER B 31 20.07 -3.45 -12.08
N SER B 32 19.83 -2.15 -12.21
CA SER B 32 20.70 -1.17 -11.57
C SER B 32 20.43 -1.05 -10.07
N ILE B 33 19.30 -1.56 -9.58
CA ILE B 33 18.98 -1.58 -8.17
C ILE B 33 18.89 -3.03 -7.72
N GLY B 34 19.67 -3.39 -6.71
CA GLY B 34 19.65 -4.75 -6.19
C GLY B 34 20.12 -5.79 -7.19
N ASN B 35 21.12 -5.47 -8.00
CA ASN B 35 21.58 -6.41 -8.99
C ASN B 35 22.03 -7.73 -8.34
N SER B 36 21.61 -8.84 -8.93
CA SER B 36 21.94 -10.19 -8.51
C SER B 36 21.33 -10.66 -7.21
N THR B 37 20.46 -9.86 -6.62
CA THR B 37 19.77 -10.25 -5.41
C THR B 37 18.45 -10.93 -5.71
N PHE B 38 18.00 -11.79 -4.78
CA PHE B 38 16.80 -12.58 -4.99
C PHE B 38 15.55 -11.75 -4.69
N ALA B 39 14.60 -11.74 -5.62
CA ALA B 39 13.39 -10.93 -5.49
C ALA B 39 12.18 -11.71 -5.97
N LEU B 40 11.00 -11.17 -5.66
CA LEU B 40 9.72 -11.75 -6.06
C LEU B 40 9.36 -11.32 -7.47
N PRO B 41 8.54 -12.11 -8.17
CA PRO B 41 7.92 -11.60 -9.39
C PRO B 41 7.01 -10.42 -9.05
N GLY B 42 6.89 -9.50 -9.99
CA GLY B 42 6.03 -8.35 -9.81
C GLY B 42 6.41 -7.23 -10.77
N GLY B 43 5.73 -6.10 -10.62
CA GLY B 43 5.99 -4.99 -11.50
C GLY B 43 5.01 -3.85 -11.26
N HIS B 44 5.06 -2.88 -12.16
CA HIS B 44 4.32 -1.63 -11.98
C HIS B 44 2.82 -1.85 -12.13
N LEU B 45 2.05 -1.25 -11.22
CA LEU B 45 0.60 -1.21 -11.34
C LEU B 45 0.20 -0.25 -12.45
N GLU B 46 -0.65 -0.70 -13.35
CA GLU B 46 -1.15 0.16 -14.43
C GLU B 46 -2.41 0.92 -14.02
N PHE B 47 -2.62 2.06 -14.68
CA PHE B 47 -3.80 2.87 -14.38
C PHE B 47 -5.07 2.05 -14.58
N GLY B 48 -5.92 2.03 -13.57
CA GLY B 48 -7.20 1.34 -13.62
C GLY B 48 -7.17 -0.11 -13.20
N GLU B 49 -5.98 -0.68 -13.01
CA GLU B 49 -5.83 -2.08 -12.69
C GLU B 49 -6.00 -2.32 -11.20
N SER B 50 -6.56 -3.47 -10.84
CA SER B 50 -6.60 -3.87 -9.44
C SER B 50 -5.29 -4.53 -9.04
N PHE B 51 -5.08 -4.65 -7.74
CA PHE B 51 -3.86 -5.30 -7.25
C PHE B 51 -3.78 -6.74 -7.75
N GLU B 52 -4.91 -7.44 -7.72
CA GLU B 52 -4.97 -8.82 -8.14
C GLU B 52 -4.73 -8.98 -9.65
N GLU B 53 -5.29 -8.10 -10.45
CA GLU B 53 -5.08 -8.13 -11.90
C GLU B 53 -3.60 -7.91 -12.22
N CYS B 54 -2.99 -6.97 -11.50
CA CYS B 54 -1.58 -6.69 -11.71
C CYS B 54 -0.73 -7.88 -11.31
N ALA B 55 -1.02 -8.48 -10.16
CA ALA B 55 -0.26 -9.64 -9.71
C ALA B 55 -0.29 -10.75 -10.76
N ALA B 56 -1.47 -11.08 -11.26
CA ALA B 56 -1.57 -12.18 -12.22
C ALA B 56 -0.88 -11.83 -13.53
N ARG B 57 -1.04 -10.57 -13.98
CA ARG B 57 -0.42 -10.15 -15.24
C ARG B 57 1.10 -10.17 -15.14
N GLU B 58 1.64 -9.60 -14.07
CA GLU B 58 3.10 -9.55 -13.92
C GLU B 58 3.69 -10.94 -13.81
N VAL B 59 3.06 -11.81 -13.01
CA VAL B 59 3.53 -13.19 -12.90
C VAL B 59 3.49 -13.88 -14.27
N MET B 60 2.41 -13.69 -15.02
CA MET B 60 2.34 -14.28 -16.34
C MET B 60 3.46 -13.76 -17.25
N GLU B 61 3.66 -12.43 -17.27
CA GLU B 61 4.64 -11.84 -18.17
C GLU B 61 6.05 -12.28 -17.83
N GLU B 62 6.36 -12.44 -16.54
CA GLU B 62 7.72 -12.71 -16.13
C GLU B 62 8.05 -14.20 -16.04
N THR B 63 7.06 -15.04 -15.73
CA THR B 63 7.31 -16.45 -15.43
C THR B 63 6.47 -17.42 -16.22
N GLY B 64 5.42 -16.96 -16.91
CA GLY B 64 4.46 -17.84 -17.54
C GLY B 64 3.52 -18.56 -16.60
N LEU B 65 3.68 -18.43 -15.28
CA LEU B 65 2.86 -19.18 -14.35
C LEU B 65 1.45 -18.60 -14.26
N LYS B 66 0.48 -19.51 -14.08
CA LYS B 66 -0.91 -19.16 -13.85
C LYS B 66 -1.20 -19.24 -12.36
N ILE B 67 -1.65 -18.15 -11.77
CA ILE B 67 -1.92 -18.10 -10.34
C ILE B 67 -3.39 -17.81 -10.07
N GLU B 68 -3.81 -18.10 -8.84
CA GLU B 68 -5.18 -17.89 -8.40
C GLU B 68 -5.17 -17.67 -6.89
N LYS B 69 -6.35 -17.43 -6.35
CA LYS B 69 -6.54 -17.20 -4.95
C LYS B 69 -5.71 -16.06 -4.37
N MET B 70 -5.63 -14.98 -5.09
CA MET B 70 -4.86 -13.85 -4.63
C MET B 70 -5.41 -13.15 -3.43
N LYS B 71 -4.54 -12.77 -2.53
CA LYS B 71 -4.92 -12.09 -1.33
C LYS B 71 -3.92 -11.03 -0.94
N LEU B 72 -4.41 -9.88 -0.52
CA LEU B 72 -3.53 -8.81 -0.10
C LEU B 72 -2.81 -9.19 1.19
N LEU B 73 -1.50 -8.92 1.24
CA LEU B 73 -0.69 -9.12 2.44
C LEU B 73 -0.37 -7.81 3.14
N THR B 74 0.48 -6.96 2.54
CA THR B 74 0.89 -5.72 3.19
C THR B 74 1.39 -4.76 2.14
N VAL B 75 1.99 -3.65 2.59
CA VAL B 75 2.55 -2.64 1.71
C VAL B 75 3.82 -2.12 2.37
N THR B 76 4.85 -1.86 1.57
CA THR B 76 6.12 -1.37 2.08
C THR B 76 6.55 -0.14 1.31
N ASN B 77 7.33 0.70 1.96
CA ASN B 77 7.85 1.94 1.39
C ASN B 77 9.34 1.73 1.14
N ASN B 78 9.75 1.81 -0.11
CA ASN B 78 11.10 1.45 -0.49
C ASN B 78 11.76 2.59 -1.28
N VAL B 79 12.60 3.37 -0.60
CA VAL B 79 13.25 4.53 -1.20
C VAL B 79 14.66 4.16 -1.61
N PHE B 80 15.04 4.49 -2.83
CA PHE B 80 16.39 4.24 -3.35
C PHE B 80 17.00 5.57 -3.79
N LYS B 81 17.39 6.40 -2.83
CA LYS B 81 17.97 7.70 -3.16
C LYS B 81 19.35 7.57 -3.78
N GLU B 82 20.06 6.47 -3.49
CA GLU B 82 21.43 6.29 -3.94
C GLU B 82 21.53 5.64 -5.32
N ALA B 83 20.41 5.28 -5.94
CA ALA B 83 20.44 4.58 -7.22
C ALA B 83 20.86 5.52 -8.34
N PRO B 84 21.39 4.97 -9.44
CA PRO B 84 21.76 5.84 -10.57
C PRO B 84 20.68 6.83 -10.94
N THR B 85 19.43 6.38 -11.07
CA THR B 85 18.30 7.28 -11.08
C THR B 85 17.54 7.11 -9.77
N PRO B 86 17.55 8.09 -8.88
CA PRO B 86 16.84 7.94 -7.61
C PRO B 86 15.40 7.52 -7.83
N SER B 87 14.97 6.52 -7.06
CA SER B 87 13.67 5.88 -7.21
C SER B 87 13.01 5.73 -5.87
N HIS B 88 11.67 5.71 -5.88
CA HIS B 88 10.86 5.51 -4.67
C HIS B 88 9.69 4.63 -5.06
N TYR B 89 9.65 3.42 -4.52
CA TYR B 89 8.59 2.45 -4.80
C TYR B 89 7.72 2.24 -3.57
N VAL B 90 6.44 2.05 -3.78
CA VAL B 90 5.47 1.68 -2.76
C VAL B 90 5.03 0.30 -3.26
N SER B 91 5.41 -0.74 -2.53
CA SER B 91 5.18 -2.11 -2.95
C SER B 91 4.10 -2.84 -2.22
N VAL B 92 3.09 -3.24 -2.97
CA VAL B 92 1.96 -3.95 -2.44
C VAL B 92 2.19 -5.44 -2.64
N SER B 93 2.17 -6.17 -1.55
CA SER B 93 2.43 -7.61 -1.63
C SER B 93 1.14 -8.41 -1.66
N ILE B 94 1.12 -9.39 -2.55
CA ILE B 94 -0.02 -10.27 -2.78
C ILE B 94 0.44 -11.71 -2.60
N ARG B 95 -0.35 -12.51 -1.94
CA ARG B 95 -0.15 -13.94 -1.81
C ARG B 95 -0.95 -14.66 -2.91
N ALA B 96 -0.43 -15.72 -3.47
CA ALA B 96 -1.16 -16.48 -4.48
C ALA B 96 -0.66 -17.91 -4.50
N VAL B 97 -1.40 -18.79 -5.18
CA VAL B 97 -0.98 -20.16 -5.40
C VAL B 97 -1.13 -20.50 -6.88
N LEU B 98 -0.49 -21.60 -7.29
CA LEU B 98 -0.57 -22.03 -8.68
C LEU B 98 -1.91 -22.71 -8.96
N VAL B 99 -2.49 -22.42 -10.13
CA VAL B 99 -3.65 -23.17 -10.59
C VAL B 99 -3.28 -24.63 -10.79
N ASP B 100 -2.14 -24.89 -11.43
CA ASP B 100 -1.64 -26.24 -11.61
C ASP B 100 -0.36 -26.37 -10.78
N PRO B 101 -0.40 -27.09 -9.66
CA PRO B 101 0.78 -27.16 -8.79
C PRO B 101 2.02 -27.73 -9.47
N SER B 102 1.87 -28.44 -10.58
CA SER B 102 3.03 -29.01 -11.25
C SER B 102 3.68 -28.04 -12.22
N GLN B 103 3.10 -26.88 -12.46
CA GLN B 103 3.64 -25.98 -13.47
C GLN B 103 4.99 -25.43 -13.02
N GLU B 104 5.91 -25.34 -13.97
CA GLU B 104 7.22 -24.79 -13.63
C GLU B 104 7.43 -23.45 -14.34
N PRO B 105 8.20 -22.55 -13.74
CA PRO B 105 8.38 -21.21 -14.32
C PRO B 105 9.30 -21.25 -15.53
N LYS B 106 9.17 -20.23 -16.35
CA LYS B 106 10.10 -19.93 -17.42
C LYS B 106 10.64 -18.53 -17.21
N ASN B 107 11.85 -18.28 -17.71
CA ASN B 107 12.49 -16.97 -17.60
C ASN B 107 12.08 -16.16 -18.82
N MET B 108 10.88 -15.59 -18.77
CA MET B 108 10.34 -14.84 -19.91
C MET B 108 10.93 -13.51 -20.20
N GLU B 109 11.55 -12.91 -19.22
CA GLU B 109 12.19 -11.60 -19.38
C GLU B 109 13.63 -11.71 -18.91
N PRO B 110 14.48 -12.42 -19.67
CA PRO B 110 15.87 -12.63 -19.23
C PRO B 110 16.66 -11.35 -19.09
N GLU B 111 16.20 -10.26 -19.65
CA GLU B 111 16.90 -9.02 -19.49
C GLU B 111 16.77 -8.47 -18.07
N LYS B 112 15.76 -8.91 -17.34
CA LYS B 112 15.51 -8.40 -16.00
C LYS B 112 15.76 -9.43 -14.90
N CYS B 113 15.99 -10.70 -15.24
CA CYS B 113 16.06 -11.72 -14.21
C CYS B 113 16.90 -12.89 -14.73
N GLU B 114 17.64 -13.55 -13.86
CA GLU B 114 18.46 -14.67 -14.23
C GLU B 114 17.64 -15.95 -14.36
N GLY B 115 16.45 -15.97 -13.79
CA GLY B 115 15.62 -17.15 -13.78
C GLY B 115 14.94 -17.29 -12.42
N TRP B 116 13.91 -18.13 -12.39
CA TRP B 116 13.05 -18.29 -11.24
C TRP B 116 13.14 -19.71 -10.69
N ASP B 117 13.09 -19.84 -9.37
CA ASP B 117 13.15 -21.16 -8.73
C ASP B 117 12.41 -21.08 -7.41
N TRP B 118 12.11 -22.25 -6.86
CA TRP B 118 11.40 -22.38 -5.58
C TRP B 118 12.42 -22.49 -4.46
N TYR B 119 12.21 -21.73 -3.40
CA TYR B 119 13.09 -21.74 -2.24
C TYR B 119 12.26 -21.97 -0.99
N ASP B 120 12.75 -22.89 -0.15
CA ASP B 120 12.03 -23.26 1.06
C ASP B 120 12.09 -22.12 2.08
N TRP B 121 10.96 -21.88 2.75
CA TRP B 121 10.87 -20.84 3.76
C TRP B 121 11.97 -20.93 4.80
N GLU B 122 12.36 -22.15 5.18
CA GLU B 122 13.37 -22.35 6.21
C GLU B 122 14.80 -22.43 5.65
N ASN B 123 14.97 -22.23 4.35
CA ASN B 123 16.28 -22.26 3.73
C ASN B 123 16.32 -21.26 2.58
N LEU B 124 15.99 -20.01 2.88
CA LEU B 124 15.98 -18.97 1.86
C LEU B 124 17.41 -18.62 1.46
N PRO B 125 17.61 -18.25 0.21
CA PRO B 125 18.96 -17.93 -0.26
C PRO B 125 19.37 -16.51 0.11
N LYS B 126 20.62 -16.18 -0.21
CA LYS B 126 21.16 -14.85 0.04
C LYS B 126 22.02 -14.45 -1.15
N PRO B 127 22.09 -13.15 -1.47
CA PRO B 127 21.45 -12.06 -0.75
C PRO B 127 20.03 -11.83 -1.25
N LEU B 128 19.10 -11.58 -0.33
CA LEU B 128 17.76 -11.16 -0.70
C LEU B 128 17.77 -9.68 -1.09
N PHE B 129 16.95 -9.34 -2.08
CA PHE B 129 16.74 -7.95 -2.43
C PHE B 129 16.33 -7.17 -1.17
N TRP B 130 16.95 -6.00 -0.97
CA TRP B 130 16.80 -5.32 0.32
C TRP B 130 15.36 -5.13 0.77
N PRO B 131 14.43 -4.67 -0.07
CA PRO B 131 13.05 -4.53 0.43
C PRO B 131 12.49 -5.82 0.98
N LEU B 132 12.84 -6.96 0.38
CA LEU B 132 12.36 -8.25 0.85
C LEU B 132 13.06 -8.63 2.17
N GLU B 133 14.38 -8.45 2.23
CA GLU B 133 15.10 -8.74 3.46
C GLU B 133 14.60 -7.89 4.62
N LYS B 134 14.35 -6.61 4.35
CA LYS B 134 13.87 -5.70 5.40
C LYS B 134 12.49 -6.11 5.88
N LEU B 135 11.60 -6.47 4.96
CA LEU B 135 10.27 -6.94 5.34
C LEU B 135 10.36 -8.20 6.19
N PHE B 136 11.15 -9.19 5.76
CA PHE B 136 11.31 -10.39 6.57
C PHE B 136 11.91 -10.06 7.94
N GLY B 137 12.81 -9.08 7.98
CA GLY B 137 13.43 -8.69 9.25
C GLY B 137 12.44 -8.23 10.30
N SER B 138 11.24 -7.78 9.88
CA SER B 138 10.19 -7.35 10.80
C SER B 138 9.39 -8.52 11.35
N GLY B 139 9.67 -9.74 10.93
CA GLY B 139 8.91 -10.91 11.33
C GLY B 139 7.82 -11.32 10.35
N PHE B 140 7.66 -10.59 9.26
CA PHE B 140 6.63 -10.90 8.28
C PHE B 140 6.80 -12.30 7.71
N ASN B 141 5.70 -13.04 7.59
CA ASN B 141 5.66 -14.39 7.06
C ASN B 141 4.47 -14.49 6.11
N PRO B 142 4.69 -14.68 4.81
CA PRO B 142 3.57 -14.66 3.86
C PRO B 142 2.64 -15.85 3.98
N PHE B 143 3.06 -16.92 4.64
CA PHE B 143 2.23 -18.11 4.77
C PHE B 143 1.17 -17.95 5.85
N THR B 144 1.45 -17.14 6.87
CA THR B 144 0.61 -17.09 8.06
C THR B 144 0.01 -15.72 8.27
N HIS B 145 0.47 -14.72 7.53
CA HIS B 145 0.04 -13.35 7.70
C HIS B 145 -1.47 -13.19 7.49
C1 GOL C . -12.50 22.39 12.64
O1 GOL C . -12.99 22.58 11.34
C2 GOL C . -13.59 23.00 13.55
O2 GOL C . -14.79 23.50 12.86
C3 GOL C . -13.04 24.07 14.51
O3 GOL C . -13.71 24.07 15.73
CA' 2ME D . -15.08 0.63 -6.47
CB' 2ME D . -13.60 0.43 -6.25
OC' 2ME D . -12.86 1.31 -7.03
CD' 2ME D . -11.49 0.99 -7.28
N NH4 E . -8.09 8.33 -2.20
HN1 NH4 E . -8.57 7.48 -2.54
HN2 NH4 E . -7.09 8.13 -1.98
HN3 NH4 E . -8.17 9.09 -2.91
HN4 NH4 E . -8.55 8.66 -1.33
MG MG F . -2.22 15.98 -1.21
MG MG G . -0.63 17.50 -0.40
MG MG H . -1.96 18.98 2.63
C1 GOL I . 9.21 -22.28 10.00
O1 GOL I . 8.37 -22.81 9.07
C2 GOL I . 8.43 -21.95 11.25
O2 GOL I . 9.40 -21.62 12.24
C3 GOL I . 7.52 -20.77 10.96
O3 GOL I . 6.16 -21.14 10.71
C1 GOL J . 23.98 -12.60 -14.81
O1 GOL J . 23.56 -12.21 -16.07
C2 GOL J . 25.28 -11.94 -14.44
O2 GOL J . 25.47 -10.63 -14.90
C3 GOL J . 25.46 -12.05 -12.93
O3 GOL J . 26.24 -10.97 -12.44
C1 GOL K . 6.25 -23.60 6.97
O1 GOL K . 7.52 -23.26 7.35
C2 GOL K . 5.63 -22.52 6.10
O2 GOL K . 4.65 -23.28 5.33
C3 GOL K . 4.96 -21.42 6.94
O3 GOL K . 5.50 -20.87 8.13
MG MG L . 6.45 -3.86 -15.87
MG MG M . 7.51 -2.94 -14.02
MG MG N . 6.78 -7.57 -16.78
#